data_4F3G
#
_entry.id   4F3G
#
_cell.length_a   47.657
_cell.length_b   49.028
_cell.length_c   136.639
_cell.angle_alpha   90.00
_cell.angle_beta   90.00
_cell.angle_gamma   90.00
#
_symmetry.space_group_name_H-M   'P 2 2 21'
#
loop_
_entity.id
_entity.type
_entity.pdbx_description
1 polymer 'Glutamate receptor 3'
2 non-polymer 3-(CARBOXYMETHYL)-4-ISOPROPENYLPROLINE
3 non-polymer 'ZINC ION'
4 water water
#
_entity_poly.entity_id   1
_entity_poly.type   'polypeptide(L)'
_entity_poly.pdbx_seq_one_letter_code
;RTIVVTTILESPYVMYKKNHEQLEGNERYEGYCVDLAYEIAKHVRIKYKLSIVGDGKYGARDPETKIWNGMVGELVYGRA
DIAVAPLTITLVREEVIDFSKPFMSLGISIMIKKGTPIESAEDLAKQTEIAYGTLDSGSTKEFFRRSKIAVYEKMWSYMK
SAEPSVFTKTTADGVARVRKSKGKFAFLLESTMNEYIEQRKPCDTMKVGGNLDSKGYGVATPKGSALGTPVNLAVLKLSE
QGILDKLKNKWWYDKGEC
;
_entity_poly.pdbx_strand_id   A
#
loop_
_chem_comp.id
_chem_comp.type
_chem_comp.name
_chem_comp.formula
KAI non-polymer 3-(CARBOXYMETHYL)-4-ISOPROPENYLPROLINE 'C10 H15 N O4'
ZN non-polymer 'ZINC ION' 'Zn 2'
#
# COMPACT_ATOMS: atom_id res chain seq x y z
N ARG A 1 9.50 16.87 -21.33
CA ARG A 1 10.09 15.70 -22.01
C ARG A 1 10.34 14.52 -21.06
N THR A 2 11.16 14.72 -20.04
CA THR A 2 11.39 13.68 -19.04
C THR A 2 10.28 13.74 -17.98
N ILE A 3 9.44 12.71 -17.92
CA ILE A 3 8.25 12.79 -17.06
C ILE A 3 8.61 12.54 -15.59
N VAL A 4 7.92 13.24 -14.67
CA VAL A 4 8.12 13.01 -13.25
C VAL A 4 7.20 11.89 -12.74
N VAL A 5 7.80 10.83 -12.22
CA VAL A 5 7.07 9.72 -11.59
C VAL A 5 7.23 9.75 -10.08
N THR A 6 6.18 10.12 -9.39
CA THR A 6 6.21 10.24 -7.97
C THR A 6 5.99 8.84 -7.38
N THR A 7 6.74 8.57 -6.34
CA THR A 7 6.60 7.29 -5.67
C THR A 7 6.97 7.46 -4.23
N ILE A 8 7.14 6.35 -3.54
CA ILE A 8 7.33 6.39 -2.10
C ILE A 8 8.03 5.09 -1.66
N LEU A 9 8.87 5.20 -0.64
CA LEU A 9 9.49 4.00 -0.04
C LEU A 9 8.49 3.11 0.68
N GLU A 10 8.38 1.86 0.26
CA GLU A 10 7.53 0.91 0.94
C GLU A 10 7.99 -0.46 0.42
N SER A 11 8.52 -1.35 1.28
CA SER A 11 9.07 -2.64 0.82
C SER A 11 7.93 -3.56 0.45
N PRO A 12 8.03 -4.31 -0.69
CA PRO A 12 9.10 -4.40 -1.67
C PRO A 12 8.75 -3.65 -2.95
N TYR A 13 7.89 -2.62 -2.85
CA TYR A 13 7.49 -1.77 -3.96
C TYR A 13 8.62 -0.91 -4.37
N VAL A 14 9.13 -0.16 -3.41
CA VAL A 14 10.27 0.69 -3.67
C VAL A 14 11.17 0.71 -2.44
N MET A 15 12.44 0.39 -2.69
CA MET A 15 13.44 0.24 -1.68
C MET A 15 14.78 0.81 -2.20
N TYR A 16 15.63 1.31 -1.30
CA TYR A 16 16.98 1.70 -1.69
C TYR A 16 17.74 0.47 -2.07
N LYS A 17 18.43 0.50 -3.20
CA LYS A 17 19.43 -0.54 -3.55
C LYS A 17 20.58 -0.59 -2.53
N LYS A 18 21.36 -1.70 -2.54
CA LYS A 18 22.36 -1.95 -1.50
C LYS A 18 23.40 -0.82 -1.32
N ASN A 19 23.74 -0.19 -2.44
CA ASN A 19 24.83 0.80 -2.51
C ASN A 19 24.29 2.05 -3.13
N HIS A 20 23.06 2.35 -2.73
CA HIS A 20 22.34 3.47 -3.24
C HIS A 20 23.10 4.76 -3.05
N GLU A 21 23.84 4.87 -1.95
CA GLU A 21 24.56 6.12 -1.69
C GLU A 21 25.64 6.33 -2.75
N GLN A 22 26.07 5.27 -3.43
CA GLN A 22 27.01 5.44 -4.53
C GLN A 22 26.34 5.62 -5.89
N LEU A 23 25.01 5.72 -5.90
CA LEU A 23 24.26 5.68 -7.16
C LEU A 23 23.50 6.96 -7.40
N GLU A 24 23.00 7.11 -8.62
CA GLU A 24 22.29 8.31 -8.99
C GLU A 24 20.96 8.05 -9.71
N GLY A 25 20.02 8.98 -9.54
CA GLY A 25 18.75 8.91 -10.23
C GLY A 25 18.03 7.61 -9.97
N ASN A 26 17.43 7.07 -11.02
CA ASN A 26 16.57 5.90 -10.88
C ASN A 26 17.32 4.69 -10.39
N GLU A 27 18.63 4.68 -10.61
CA GLU A 27 19.49 3.58 -10.16
C GLU A 27 19.56 3.44 -8.64
N ARG A 28 19.13 4.44 -7.92
CA ARG A 28 19.14 4.33 -6.47
C ARG A 28 18.15 3.26 -5.94
N TYR A 29 17.12 2.94 -6.73
CA TYR A 29 15.98 2.22 -6.19
C TYR A 29 15.76 0.89 -6.90
N GLU A 30 15.06 -0.02 -6.21
CA GLU A 30 14.55 -1.20 -6.82
C GLU A 30 13.28 -1.66 -6.10
N GLY A 31 12.59 -2.61 -6.70
CA GLY A 31 11.37 -3.15 -6.13
C GLY A 31 10.31 -3.35 -7.20
N TYR A 32 9.15 -3.85 -6.78
CA TYR A 32 8.05 -4.14 -7.68
C TYR A 32 7.66 -2.87 -8.52
N CYS A 33 7.48 -1.73 -7.85
CA CYS A 33 6.98 -0.54 -8.53
C CYS A 33 8.03 0.13 -9.38
N VAL A 34 9.30 -0.04 -9.00
CA VAL A 34 10.40 0.36 -9.86
C VAL A 34 10.40 -0.43 -11.18
N ASP A 35 10.24 -1.75 -11.08
CA ASP A 35 10.17 -2.61 -12.27
C ASP A 35 8.89 -2.23 -13.08
N LEU A 36 7.76 -1.99 -12.39
CA LEU A 36 6.50 -1.64 -13.07
C LEU A 36 6.65 -0.37 -13.85
N ALA A 37 7.33 0.61 -13.27
CA ALA A 37 7.43 1.94 -13.87
C ALA A 37 8.31 1.79 -15.12
N TYR A 38 9.34 0.97 -15.01
CA TYR A 38 10.23 0.67 -16.13
C TYR A 38 9.40 0.09 -17.26
N GLU A 39 8.60 -0.94 -16.95
CA GLU A 39 7.81 -1.66 -17.97
C GLU A 39 6.74 -0.79 -18.60
N ILE A 40 6.06 0.00 -17.77
CA ILE A 40 5.12 0.94 -18.29
C ILE A 40 5.79 1.95 -19.21
N ALA A 41 6.87 2.56 -18.76
CA ALA A 41 7.50 3.62 -19.55
C ALA A 41 8.01 3.04 -20.88
N LYS A 42 8.39 1.77 -20.87
CA LYS A 42 8.80 1.08 -22.10
C LYS A 42 7.65 1.01 -23.13
N HIS A 43 6.43 0.74 -22.65
CA HIS A 43 5.28 0.61 -23.55
C HIS A 43 4.75 1.96 -24.01
N VAL A 44 4.78 2.92 -23.12
CA VAL A 44 4.24 4.25 -23.41
C VAL A 44 5.33 5.06 -24.11
N ARG A 45 6.57 4.58 -24.07
CA ARG A 45 7.69 5.26 -24.76
C ARG A 45 8.02 6.64 -24.17
N ILE A 46 8.39 6.68 -22.90
CA ILE A 46 8.72 7.94 -22.24
C ILE A 46 9.99 7.75 -21.42
N LYS A 47 10.76 8.82 -21.30
CA LYS A 47 11.85 8.86 -20.31
C LYS A 47 11.27 9.47 -19.03
N TYR A 48 11.78 9.06 -17.88
CA TYR A 48 11.13 9.49 -16.63
C TYR A 48 12.13 9.49 -15.52
N LYS A 49 11.85 10.27 -14.48
CA LYS A 49 12.66 10.18 -13.29
C LYS A 49 11.80 9.87 -12.06
N LEU A 50 12.19 8.88 -11.28
CA LEU A 50 11.46 8.57 -10.04
C LEU A 50 11.82 9.62 -9.01
N SER A 51 10.80 10.22 -8.38
CA SER A 51 10.92 11.15 -7.21
C SER A 51 10.16 10.69 -5.98
N ILE A 52 10.86 10.54 -4.86
CA ILE A 52 10.18 10.16 -3.64
C ILE A 52 9.36 11.34 -3.14
N VAL A 53 8.07 11.13 -2.96
CA VAL A 53 7.21 12.22 -2.54
C VAL A 53 7.73 12.81 -1.22
N GLY A 54 7.74 14.12 -1.15
CA GLY A 54 8.42 14.86 -0.09
C GLY A 54 7.85 14.66 1.29
N ASP A 55 6.52 14.63 1.39
CA ASP A 55 5.85 14.57 2.68
C ASP A 55 5.54 13.16 3.16
N GLY A 56 6.12 12.15 2.51
CA GLY A 56 5.89 10.74 2.82
C GLY A 56 4.44 10.24 2.89
N LYS A 57 3.52 10.88 2.17
CA LYS A 57 2.16 10.42 2.23
C LYS A 57 1.58 9.97 0.89
N TYR A 58 0.45 9.27 0.97
CA TYR A 58 -0.17 8.62 -0.16
C TYR A 58 -1.13 9.59 -0.83
N GLY A 59 -2.09 10.13 -0.06
CA GLY A 59 -3.05 11.06 -0.63
C GLY A 59 -4.37 11.12 0.11
N ALA A 60 -4.56 12.24 0.80
CA ALA A 60 -5.81 12.56 1.51
C ALA A 60 -6.03 14.08 1.42
N ARG A 61 -7.28 14.52 1.53
CA ARG A 61 -7.60 15.94 1.48
C ARG A 61 -7.79 16.47 2.91
N ASP A 62 -7.03 17.45 3.29
CA ASP A 62 -7.26 18.05 4.59
C ASP A 62 -8.68 18.70 4.68
N PRO A 63 -9.50 18.28 5.65
CA PRO A 63 -10.89 18.78 5.75
C PRO A 63 -10.95 20.31 5.97
N GLU A 64 -9.93 20.85 6.63
CA GLU A 64 -9.85 22.28 6.92
C GLU A 64 -9.38 23.08 5.72
N THR A 65 -8.14 22.85 5.31
CA THR A 65 -7.57 23.56 4.18
C THR A 65 -7.97 23.08 2.79
N LYS A 66 -8.60 21.91 2.70
CA LYS A 66 -8.95 21.34 1.38
C LYS A 66 -7.74 21.05 0.48
N ILE A 67 -6.53 21.14 1.00
CA ILE A 67 -5.36 20.72 0.21
C ILE A 67 -5.18 19.17 0.20
N TRP A 68 -4.90 18.62 -0.99
CA TRP A 68 -4.59 17.21 -1.08
C TRP A 68 -3.13 17.04 -0.77
N ASN A 69 -2.81 16.06 0.07
CA ASN A 69 -1.41 15.81 0.35
C ASN A 69 -0.84 14.62 -0.46
N GLY A 70 0.40 14.24 -0.17
CA GLY A 70 0.99 13.01 -0.69
C GLY A 70 1.13 12.95 -2.23
N MET A 71 1.20 11.75 -2.75
CA MET A 71 1.43 11.53 -4.18
C MET A 71 0.19 12.07 -4.93
N VAL A 72 -0.99 11.82 -4.39
CA VAL A 72 -2.20 12.35 -5.00
C VAL A 72 -2.10 13.84 -5.21
N GLY A 73 -1.70 14.58 -4.18
CA GLY A 73 -1.50 16.01 -4.27
C GLY A 73 -0.44 16.40 -5.27
N GLU A 74 0.68 15.68 -5.33
CA GLU A 74 1.67 15.97 -6.40
C GLU A 74 1.00 15.96 -7.79
N LEU A 75 0.11 15.01 -8.00
CA LEU A 75 -0.62 14.91 -9.27
C LEU A 75 -1.64 16.04 -9.40
N VAL A 76 -2.45 16.26 -8.37
CA VAL A 76 -3.50 17.29 -8.44
C VAL A 76 -2.95 18.68 -8.71
N TYR A 77 -1.83 19.02 -8.05
CA TYR A 77 -1.19 20.32 -8.27
C TYR A 77 -0.22 20.38 -9.44
N GLY A 78 -0.11 19.31 -10.19
CA GLY A 78 0.74 19.40 -11.35
C GLY A 78 2.21 19.29 -11.09
N ARG A 79 2.62 18.82 -9.90
CA ARG A 79 4.05 18.70 -9.68
C ARG A 79 4.60 17.34 -10.12
N ALA A 80 3.73 16.35 -10.39
CA ALA A 80 4.17 15.07 -10.95
C ALA A 80 3.24 14.65 -12.09
N ASP A 81 3.77 13.86 -13.03
CA ASP A 81 3.06 13.31 -14.19
C ASP A 81 2.34 11.97 -13.96
N ILE A 82 2.90 11.11 -13.11
CA ILE A 82 2.32 9.77 -12.84
C ILE A 82 2.70 9.41 -11.39
N ALA A 83 1.89 8.59 -10.71
CA ALA A 83 2.27 8.02 -9.42
C ALA A 83 2.22 6.54 -9.58
N VAL A 84 3.32 5.90 -9.22
CA VAL A 84 3.42 4.44 -9.31
C VAL A 84 3.85 3.94 -7.95
N ALA A 85 2.91 3.36 -7.23
CA ALA A 85 3.04 3.11 -5.81
C ALA A 85 1.87 2.19 -5.44
N PRO A 86 1.94 1.51 -4.30
CA PRO A 86 0.80 0.71 -3.82
C PRO A 86 -0.30 1.69 -3.34
N LEU A 87 -0.85 2.42 -4.30
CA LEU A 87 -1.87 3.44 -4.08
C LEU A 87 -3.26 2.82 -4.24
N THR A 88 -3.98 2.69 -3.13
CA THR A 88 -5.27 2.02 -3.15
C THR A 88 -6.26 2.84 -3.98
N ILE A 89 -6.99 2.16 -4.86
CA ILE A 89 -7.97 2.82 -5.71
C ILE A 89 -9.23 3.06 -4.86
N THR A 90 -9.49 4.31 -4.49
CA THR A 90 -10.63 4.62 -3.64
C THR A 90 -11.46 5.66 -4.29
N LEU A 91 -12.70 5.71 -3.85
CA LEU A 91 -13.63 6.64 -4.45
C LEU A 91 -13.14 8.10 -4.30
N VAL A 92 -12.72 8.52 -3.10
CA VAL A 92 -12.38 9.94 -2.95
C VAL A 92 -11.18 10.31 -3.76
N ARG A 93 -10.29 9.34 -3.98
CA ARG A 93 -9.15 9.59 -4.87
C ARG A 93 -9.56 9.60 -6.35
N GLU A 94 -10.47 8.72 -6.72
CA GLU A 94 -10.89 8.58 -8.10
C GLU A 94 -11.65 9.83 -8.54
N GLU A 95 -12.24 10.58 -7.59
CA GLU A 95 -12.91 11.84 -7.90
C GLU A 95 -11.98 12.95 -8.35
N VAL A 96 -10.70 12.91 -7.98
CA VAL A 96 -9.79 14.01 -8.37
C VAL A 96 -8.60 13.63 -9.23
N ILE A 97 -8.27 12.34 -9.36
CA ILE A 97 -7.22 11.90 -10.29
C ILE A 97 -7.77 10.70 -11.11
N ASP A 98 -7.00 10.23 -12.11
CA ASP A 98 -7.35 9.07 -12.91
C ASP A 98 -6.51 7.88 -12.46
N PHE A 99 -7.15 6.73 -12.24
CA PHE A 99 -6.46 5.49 -11.94
C PHE A 99 -6.54 4.58 -13.16
N SER A 100 -5.42 3.97 -13.52
CA SER A 100 -5.43 2.81 -14.42
C SER A 100 -6.26 1.69 -13.78
N LYS A 101 -6.64 0.69 -14.55
CA LYS A 101 -7.17 -0.58 -14.03
C LYS A 101 -6.13 -1.14 -13.05
N PRO A 102 -6.56 -1.96 -12.07
CA PRO A 102 -5.68 -2.41 -10.98
C PRO A 102 -4.48 -3.19 -11.56
N PHE A 103 -3.28 -2.96 -11.03
CA PHE A 103 -2.12 -3.76 -11.41
C PHE A 103 -1.95 -4.86 -10.34
N MET A 104 -2.70 -4.74 -9.23
CA MET A 104 -2.61 -5.72 -8.13
C MET A 104 -3.94 -5.74 -7.39
N SER A 105 -4.34 -6.94 -6.96
CA SER A 105 -5.61 -7.12 -6.29
C SER A 105 -5.27 -7.34 -4.83
N LEU A 106 -6.18 -6.95 -3.94
CA LEU A 106 -5.87 -7.10 -2.53
C LEU A 106 -7.07 -6.85 -1.64
N GLY A 107 -6.82 -6.91 -0.34
CA GLY A 107 -7.85 -6.70 0.64
C GLY A 107 -7.27 -6.51 2.04
N ILE A 108 -8.08 -5.93 2.90
CA ILE A 108 -7.71 -5.67 4.27
C ILE A 108 -7.65 -7.01 4.98
N SER A 109 -6.66 -7.20 5.83
CA SER A 109 -6.44 -8.53 6.34
C SER A 109 -5.81 -8.43 7.71
N ILE A 110 -5.70 -9.58 8.37
CA ILE A 110 -5.18 -9.66 9.73
C ILE A 110 -3.82 -10.34 9.86
N MET A 111 -2.87 -9.66 10.51
CA MET A 111 -1.56 -10.19 10.80
C MET A 111 -1.42 -10.49 12.28
N ILE A 112 -1.11 -11.74 12.62
CA ILE A 112 -0.85 -12.12 14.04
C ILE A 112 0.57 -12.66 14.24
N LYS A 113 1.05 -12.64 15.47
CA LYS A 113 2.25 -13.39 15.81
C LYS A 113 1.80 -14.84 15.86
N LYS A 114 2.62 -15.75 15.37
CA LYS A 114 2.28 -17.17 15.30
C LYS A 114 1.82 -17.58 16.69
N GLY A 115 0.76 -18.37 16.77
CA GLY A 115 0.30 -18.90 18.07
C GLY A 115 -0.86 -18.11 18.72
N THR A 116 -1.09 -16.91 18.22
CA THR A 116 -2.19 -16.09 18.73
C THR A 116 -3.54 -16.76 18.46
N PRO A 117 -4.42 -16.87 19.49
CA PRO A 117 -5.70 -17.56 19.27
C PRO A 117 -6.75 -16.72 18.50
N ILE A 118 -6.48 -16.42 17.23
CA ILE A 118 -7.37 -15.59 16.38
C ILE A 118 -7.38 -16.07 14.93
N GLU A 119 -8.58 -16.29 14.40
CA GLU A 119 -8.78 -16.77 13.04
C GLU A 119 -9.57 -15.81 12.17
N SER A 120 -10.19 -14.80 12.77
CA SER A 120 -11.06 -13.91 12.00
C SER A 120 -11.32 -12.59 12.72
N ALA A 121 -11.95 -11.63 12.00
CA ALA A 121 -12.21 -10.31 12.53
C ALA A 121 -13.21 -10.44 13.68
N GLU A 122 -14.12 -11.38 13.53
CA GLU A 122 -15.11 -11.68 14.56
C GLU A 122 -14.43 -12.08 15.89
N ASP A 123 -13.41 -12.92 15.83
CA ASP A 123 -12.65 -13.27 17.04
C ASP A 123 -12.06 -12.05 17.68
N LEU A 124 -11.37 -11.23 16.90
CA LEU A 124 -10.86 -9.98 17.42
C LEU A 124 -11.97 -9.19 18.11
N ALA A 125 -13.12 -9.07 17.45
CA ALA A 125 -14.11 -8.06 17.85
C ALA A 125 -14.77 -8.37 19.21
N LYS A 126 -14.96 -9.65 19.47
CA LYS A 126 -15.60 -10.10 20.71
C LYS A 126 -14.61 -10.26 21.90
N GLN A 127 -13.61 -9.38 22.02
CA GLN A 127 -12.62 -9.46 23.10
C GLN A 127 -11.69 -8.24 23.17
N THR A 128 -10.85 -8.18 24.19
CA THR A 128 -9.93 -7.04 24.33
C THR A 128 -8.60 -7.44 24.90
N GLU A 129 -8.45 -8.70 25.25
CA GLU A 129 -7.15 -9.19 25.69
C GLU A 129 -6.11 -8.90 24.63
N ILE A 130 -6.43 -9.26 23.39
CA ILE A 130 -5.55 -8.95 22.28
C ILE A 130 -6.00 -7.63 21.62
N ALA A 131 -5.13 -6.64 21.69
CA ALA A 131 -5.37 -5.33 21.15
C ALA A 131 -5.19 -5.44 19.62
N TYR A 132 -5.71 -4.47 18.87
CA TYR A 132 -5.55 -4.47 17.42
C TYR A 132 -5.78 -3.07 16.87
N GLY A 133 -5.06 -2.72 15.81
CA GLY A 133 -5.12 -1.39 15.22
C GLY A 133 -4.68 -1.39 13.76
N THR A 134 -4.96 -0.27 13.09
CA THR A 134 -4.50 -0.03 11.75
C THR A 134 -3.45 1.08 11.71
N LEU A 135 -2.95 1.37 10.50
CA LEU A 135 -2.10 2.55 10.32
C LEU A 135 -2.89 3.81 10.68
N ASP A 136 -2.17 4.85 11.11
CA ASP A 136 -2.81 6.06 11.63
C ASP A 136 -3.76 6.67 10.58
N SER A 137 -3.25 6.86 9.35
CA SER A 137 -4.05 7.29 8.22
C SER A 137 -3.82 6.34 7.04
N GLY A 138 -4.75 6.34 6.10
CA GLY A 138 -4.60 5.48 4.94
C GLY A 138 -5.95 4.89 4.66
N SER A 139 -6.06 4.09 3.60
CA SER A 139 -7.36 3.54 3.26
C SER A 139 -7.93 2.51 4.26
N THR A 140 -7.07 1.81 4.98
CA THR A 140 -7.61 0.82 5.92
C THR A 140 -8.37 1.48 7.10
N LYS A 141 -7.73 2.48 7.75
CA LYS A 141 -8.44 3.28 8.78
C LYS A 141 -9.77 3.78 8.24
N GLU A 142 -9.73 4.27 7.00
CA GLU A 142 -10.92 4.84 6.34
C GLU A 142 -12.00 3.79 6.18
N PHE A 143 -11.59 2.58 5.81
CA PHE A 143 -12.57 1.49 5.69
C PHE A 143 -13.29 1.30 7.01
N PHE A 144 -12.57 1.37 8.10
CA PHE A 144 -13.19 1.06 9.36
C PHE A 144 -14.10 2.24 9.81
N ARG A 145 -13.55 3.44 9.70
CA ARG A 145 -14.25 4.68 10.06
C ARG A 145 -15.61 4.77 9.37
N ARG A 146 -15.67 4.35 8.10
CA ARG A 146 -16.89 4.42 7.29
C ARG A 146 -17.79 3.18 7.29
N SER A 147 -17.28 2.03 7.72
CA SER A 147 -18.14 0.83 7.65
C SER A 147 -19.45 1.00 8.39
N LYS A 148 -20.48 0.33 7.87
CA LYS A 148 -21.76 0.20 8.53
C LYS A 148 -22.08 -1.26 8.73
N ILE A 149 -21.04 -2.09 8.78
CA ILE A 149 -21.22 -3.49 9.14
C ILE A 149 -20.91 -3.59 10.64
N ALA A 150 -21.72 -4.35 11.37
CA ALA A 150 -21.68 -4.25 12.83
C ALA A 150 -20.31 -4.62 13.36
N VAL A 151 -19.81 -5.78 12.92
CA VAL A 151 -18.50 -6.26 13.36
C VAL A 151 -17.46 -5.18 13.15
N TYR A 152 -17.52 -4.49 12.01
CA TYR A 152 -16.50 -3.49 11.75
C TYR A 152 -16.71 -2.20 12.53
N GLU A 153 -17.96 -1.85 12.78
CA GLU A 153 -18.27 -0.69 13.63
C GLU A 153 -17.76 -0.95 15.03
N LYS A 154 -18.08 -2.14 15.55
CA LYS A 154 -17.52 -2.57 16.84
C LYS A 154 -16.00 -2.41 16.90
N MET A 155 -15.30 -2.86 15.85
CA MET A 155 -13.85 -2.75 15.86
C MET A 155 -13.37 -1.31 15.77
N TRP A 156 -14.04 -0.49 14.96
CA TRP A 156 -13.63 0.90 14.88
C TRP A 156 -13.81 1.61 16.22
N SER A 157 -14.93 1.33 16.88
CA SER A 157 -15.18 2.06 18.11
C SER A 157 -14.11 1.69 19.13
N TYR A 158 -13.78 0.40 19.20
CA TYR A 158 -12.77 -0.07 20.14
C TYR A 158 -11.47 0.62 19.86
N MET A 159 -11.08 0.61 18.58
CA MET A 159 -9.77 1.14 18.22
C MET A 159 -9.70 2.64 18.47
N LYS A 160 -10.77 3.31 18.06
CA LYS A 160 -10.98 4.73 18.29
C LYS A 160 -10.73 5.13 19.76
N SER A 161 -11.20 4.32 20.70
CA SER A 161 -11.03 4.68 22.11
C SER A 161 -9.87 3.98 22.88
N ALA A 162 -9.31 2.90 22.32
CA ALA A 162 -8.30 2.10 23.03
C ALA A 162 -7.11 2.91 23.56
N GLU A 163 -6.69 2.62 24.79
CA GLU A 163 -5.58 3.33 25.44
C GLU A 163 -4.50 2.36 25.94
N PRO A 164 -3.21 2.63 25.60
CA PRO A 164 -2.79 3.71 24.69
C PRO A 164 -3.17 3.43 23.24
N SER A 165 -2.61 4.24 22.34
CA SER A 165 -3.02 4.20 20.94
C SER A 165 -2.71 2.87 20.28
N VAL A 166 -3.70 2.30 19.62
CA VAL A 166 -3.51 1.10 18.81
C VAL A 166 -3.04 1.41 17.37
N PHE A 167 -2.94 2.69 16.99
CA PHE A 167 -2.55 3.05 15.62
C PHE A 167 -1.06 3.21 15.53
N THR A 168 -0.49 2.88 14.37
CA THR A 168 0.93 3.06 14.14
C THR A 168 1.20 3.88 12.88
N LYS A 169 2.40 4.41 12.79
CA LYS A 169 2.77 5.38 11.78
C LYS A 169 3.16 4.74 10.44
N THR A 170 3.78 3.56 10.54
CA THR A 170 4.25 2.86 9.35
C THR A 170 4.02 1.35 9.39
N THR A 171 4.20 0.73 8.23
CA THR A 171 4.08 -0.72 8.12
C THR A 171 5.09 -1.36 9.07
N ALA A 172 6.37 -0.99 8.93
CA ALA A 172 7.44 -1.46 9.82
C ALA A 172 7.07 -1.42 11.31
N ASP A 173 6.53 -0.29 11.73
CA ASP A 173 6.14 -0.11 13.14
C ASP A 173 5.04 -1.03 13.57
N GLY A 174 4.04 -1.21 12.70
CA GLY A 174 2.99 -2.16 13.02
C GLY A 174 3.54 -3.56 13.17
N VAL A 175 4.45 -3.96 12.26
CA VAL A 175 5.05 -5.30 12.29
C VAL A 175 5.88 -5.53 13.56
N ALA A 176 6.79 -4.61 13.84
CA ALA A 176 7.53 -4.57 15.11
C ALA A 176 6.63 -4.76 16.32
N ARG A 177 5.50 -4.06 16.36
CA ARG A 177 4.58 -4.18 17.50
C ARG A 177 3.88 -5.53 17.65
N VAL A 178 3.44 -6.12 16.53
CA VAL A 178 3.00 -7.51 16.57
C VAL A 178 4.11 -8.41 17.12
N ARG A 179 5.29 -8.23 16.57
CA ARG A 179 6.41 -9.10 16.86
C ARG A 179 6.86 -9.00 18.33
N LYS A 180 6.64 -7.84 18.95
CA LYS A 180 7.09 -7.64 20.32
C LYS A 180 6.02 -7.85 21.36
N SER A 181 4.77 -7.91 20.93
CA SER A 181 3.71 -7.83 21.94
C SER A 181 3.34 -9.22 22.46
N LYS A 182 4.15 -10.22 22.11
CA LYS A 182 3.96 -11.56 22.69
C LYS A 182 2.56 -12.15 22.47
N GLY A 183 2.04 -11.99 21.25
CA GLY A 183 0.68 -12.39 20.94
C GLY A 183 -0.45 -11.46 21.41
N LYS A 184 -0.15 -10.31 22.00
CA LYS A 184 -1.22 -9.41 22.49
C LYS A 184 -1.59 -8.21 21.56
N PHE A 185 -1.11 -8.27 20.34
CA PHE A 185 -1.36 -7.22 19.34
C PHE A 185 -1.44 -7.81 17.95
N ALA A 186 -2.58 -7.57 17.28
CA ALA A 186 -2.78 -7.94 15.90
C ALA A 186 -2.85 -6.67 15.01
N PHE A 187 -2.29 -6.76 13.81
CA PHE A 187 -2.18 -5.59 12.92
C PHE A 187 -3.12 -5.78 11.73
N LEU A 188 -3.89 -4.74 11.41
CA LEU A 188 -4.80 -4.80 10.28
C LEU A 188 -4.24 -4.01 9.12
N LEU A 189 -3.91 -4.72 8.05
CA LEU A 189 -3.16 -4.13 6.94
C LEU A 189 -3.47 -4.85 5.65
N GLU A 190 -3.05 -4.23 4.56
CA GLU A 190 -3.38 -4.78 3.26
C GLU A 190 -2.67 -6.10 3.05
N SER A 191 -3.39 -7.00 2.39
CA SER A 191 -3.08 -8.40 2.34
C SER A 191 -1.76 -8.57 1.61
N THR A 192 -1.50 -7.70 0.66
CA THR A 192 -0.19 -7.64 -0.01
C THR A 192 0.99 -7.45 0.94
N MET A 193 0.89 -6.47 1.85
CA MET A 193 2.01 -6.24 2.76
C MET A 193 2.08 -7.45 3.71
N ASN A 194 0.90 -7.97 4.07
CA ASN A 194 0.78 -9.05 5.06
C ASN A 194 1.54 -10.25 4.51
N GLU A 195 1.21 -10.65 3.29
CA GLU A 195 1.88 -11.78 2.58
C GLU A 195 3.39 -11.60 2.39
N TYR A 196 3.81 -10.37 2.12
CA TYR A 196 5.24 -10.11 1.99
C TYR A 196 6.00 -10.38 3.29
N ILE A 197 5.49 -9.86 4.41
CA ILE A 197 6.08 -9.97 5.75
C ILE A 197 6.18 -11.43 6.23
N GLU A 198 5.13 -12.21 5.95
CA GLU A 198 5.00 -13.61 6.26
C GLU A 198 6.19 -14.41 5.67
N GLN A 199 6.79 -13.87 4.61
CA GLN A 199 7.86 -14.55 3.90
C GLN A 199 9.22 -13.97 4.24
N ARG A 200 9.28 -13.24 5.35
CA ARG A 200 10.50 -12.60 5.79
C ARG A 200 10.91 -13.10 7.19
N LYS A 201 12.21 -13.24 7.40
CA LYS A 201 12.70 -13.61 8.74
C LYS A 201 12.35 -12.47 9.73
N PRO A 202 12.07 -12.83 10.99
CA PRO A 202 12.12 -14.18 11.60
C PRO A 202 10.94 -15.13 11.35
N CYS A 203 10.13 -14.92 10.33
CA CYS A 203 9.04 -15.87 10.06
C CYS A 203 8.17 -16.17 11.30
N ASP A 204 7.75 -15.13 12.00
CA ASP A 204 7.00 -15.31 13.23
C ASP A 204 5.61 -14.67 13.15
N THR A 205 5.23 -14.27 11.94
CA THR A 205 3.92 -13.70 11.72
C THR A 205 3.17 -14.53 10.71
N MET A 206 1.86 -14.38 10.69
CA MET A 206 1.08 -14.97 9.61
C MET A 206 -0.24 -14.24 9.35
N LYS A 207 -0.70 -14.37 8.11
CA LYS A 207 -2.00 -13.79 7.71
C LYS A 207 -3.03 -14.81 8.10
N VAL A 208 -4.07 -14.41 8.84
CA VAL A 208 -5.14 -15.35 9.14
C VAL A 208 -6.53 -14.89 8.72
N GLY A 209 -7.36 -15.83 8.24
CA GLY A 209 -8.69 -15.50 7.77
C GLY A 209 -8.68 -15.00 6.32
N GLY A 210 -9.86 -14.75 5.77
CA GLY A 210 -10.02 -14.13 4.46
C GLY A 210 -9.86 -12.62 4.60
N ASN A 211 -9.97 -11.91 3.48
CA ASN A 211 -9.79 -10.48 3.51
C ASN A 211 -11.10 -9.84 3.91
N LEU A 212 -11.06 -8.61 4.38
CA LEU A 212 -12.31 -7.97 4.78
C LEU A 212 -13.01 -7.25 3.65
N ASP A 213 -12.25 -6.85 2.64
CA ASP A 213 -12.81 -6.24 1.42
C ASP A 213 -12.02 -6.73 0.19
N SER A 214 -12.44 -6.31 -1.00
CA SER A 214 -11.73 -6.63 -2.25
C SER A 214 -11.50 -5.34 -3.06
N LYS A 215 -10.23 -4.99 -3.27
CA LYS A 215 -9.89 -3.79 -4.02
C LYS A 215 -8.55 -3.95 -4.77
N GLY A 216 -8.02 -2.82 -5.27
CA GLY A 216 -6.80 -2.85 -6.05
C GLY A 216 -5.98 -1.59 -5.94
N TYR A 217 -4.71 -1.70 -6.36
CA TYR A 217 -3.81 -0.58 -6.54
C TYR A 217 -3.85 -0.21 -8.00
N GLY A 218 -3.80 1.09 -8.25
CA GLY A 218 -3.83 1.58 -9.63
C GLY A 218 -2.74 2.56 -9.81
N VAL A 219 -2.29 2.69 -11.05
CA VAL A 219 -1.34 3.73 -11.36
C VAL A 219 -2.12 5.05 -11.61
N ALA A 220 -1.66 6.15 -11.04
CA ALA A 220 -2.45 7.33 -11.08
C ALA A 220 -1.81 8.45 -11.95
N THR A 221 -2.68 9.22 -12.63
CA THR A 221 -2.23 10.36 -13.47
C THR A 221 -3.21 11.55 -13.21
N PRO A 222 -2.80 12.79 -13.53
CA PRO A 222 -3.76 13.90 -13.30
C PRO A 222 -4.96 13.81 -14.24
N LYS A 223 -6.12 14.31 -13.84
CA LYS A 223 -7.28 14.29 -14.73
C LYS A 223 -6.96 15.05 -16.04
N GLY A 224 -7.44 14.56 -17.17
CA GLY A 224 -7.21 15.24 -18.42
C GLY A 224 -5.85 15.00 -19.03
N SER A 225 -4.99 14.25 -18.35
CA SER A 225 -3.65 13.98 -18.86
C SER A 225 -3.65 13.13 -20.13
N ALA A 226 -2.78 13.45 -21.08
CA ALA A 226 -2.55 12.65 -22.28
C ALA A 226 -1.82 11.33 -22.04
N LEU A 227 -1.27 11.15 -20.84
CA LEU A 227 -0.70 9.84 -20.49
C LEU A 227 -1.73 8.88 -19.88
N GLY A 228 -2.90 9.39 -19.50
CA GLY A 228 -3.91 8.57 -18.85
C GLY A 228 -4.25 7.31 -19.62
N THR A 229 -4.68 7.49 -20.86
CA THR A 229 -5.09 6.36 -21.69
C THR A 229 -3.95 5.39 -21.99
N PRO A 230 -2.80 5.88 -22.45
CA PRO A 230 -1.72 4.94 -22.76
C PRO A 230 -1.28 4.18 -21.53
N VAL A 231 -1.28 4.82 -20.35
CA VAL A 231 -0.85 4.13 -19.14
C VAL A 231 -1.83 3.03 -18.80
N ASN A 232 -3.11 3.35 -18.93
CA ASN A 232 -4.16 2.36 -18.67
C ASN A 232 -4.01 1.06 -19.51
N LEU A 233 -3.76 1.24 -20.80
CA LEU A 233 -3.58 0.15 -21.77
C LEU A 233 -2.28 -0.56 -21.52
N ALA A 234 -1.26 0.17 -21.11
CA ALA A 234 -0.04 -0.45 -20.66
C ALA A 234 -0.25 -1.43 -19.49
N VAL A 235 -0.99 -1.02 -18.46
CA VAL A 235 -1.21 -1.95 -17.35
C VAL A 235 -1.91 -3.22 -17.83
N LEU A 236 -2.97 -3.04 -18.63
CA LEU A 236 -3.75 -4.18 -19.14
C LEU A 236 -2.88 -5.10 -19.97
N LYS A 237 -2.06 -4.51 -20.84
CA LYS A 237 -1.15 -5.35 -21.63
C LYS A 237 -0.22 -6.13 -20.71
N LEU A 238 0.41 -5.46 -19.74
CA LEU A 238 1.31 -6.15 -18.82
C LEU A 238 0.59 -7.25 -18.04
N SER A 239 -0.63 -6.96 -17.58
CA SER A 239 -1.44 -7.93 -16.91
C SER A 239 -1.62 -9.11 -17.85
N GLU A 240 -1.94 -8.81 -19.11
CA GLU A 240 -2.26 -9.86 -20.05
C GLU A 240 -1.03 -10.70 -20.46
N GLN A 241 0.15 -10.08 -20.53
CA GLN A 241 1.37 -10.86 -20.84
C GLN A 241 1.95 -11.60 -19.66
N GLY A 242 1.26 -11.55 -18.52
CA GLY A 242 1.72 -12.21 -17.30
C GLY A 242 2.86 -11.51 -16.56
N ILE A 243 3.20 -10.30 -17.00
CA ILE A 243 4.30 -9.55 -16.39
C ILE A 243 4.00 -9.11 -14.98
N LEU A 244 2.73 -8.80 -14.66
CA LEU A 244 2.40 -8.42 -13.28
C LEU A 244 2.53 -9.60 -12.34
N ASP A 245 2.12 -10.79 -12.82
CA ASP A 245 2.30 -12.05 -12.04
C ASP A 245 3.79 -12.36 -11.82
N LYS A 246 4.55 -12.28 -12.89
CA LYS A 246 6.00 -12.48 -12.82
C LYS A 246 6.69 -11.57 -11.79
N LEU A 247 6.30 -10.29 -11.78
CA LEU A 247 6.90 -9.30 -10.85
C LEU A 247 6.51 -9.58 -9.39
N LYS A 248 5.25 -9.97 -9.18
CA LYS A 248 4.76 -10.22 -7.84
C LYS A 248 5.51 -11.41 -7.31
N ASN A 249 5.60 -12.46 -8.11
CA ASN A 249 6.37 -13.64 -7.69
C ASN A 249 7.84 -13.33 -7.36
N LYS A 250 8.50 -12.60 -8.24
CA LYS A 250 9.83 -12.05 -8.02
C LYS A 250 10.05 -11.36 -6.68
N TRP A 251 9.21 -10.37 -6.39
CA TRP A 251 9.46 -9.56 -5.21
C TRP A 251 8.84 -10.13 -3.92
N TRP A 252 7.88 -11.05 -4.05
CA TRP A 252 7.23 -11.62 -2.85
C TRP A 252 7.79 -13.02 -2.49
N TYR A 253 7.91 -13.88 -3.49
CA TYR A 253 8.02 -15.33 -3.26
C TYR A 253 9.35 -15.94 -3.70
N ASP A 254 9.87 -15.53 -4.87
CA ASP A 254 11.18 -16.03 -5.33
C ASP A 254 12.20 -15.81 -4.22
N LYS A 255 12.21 -14.59 -3.69
CA LYS A 255 13.11 -14.14 -2.59
C LYS A 255 12.65 -14.59 -1.17
N GLY A 256 11.65 -15.48 -1.08
CA GLY A 256 11.02 -15.78 0.20
C GLY A 256 11.95 -16.50 1.16
N GLU A 257 12.01 -16.02 2.41
CA GLU A 257 12.93 -16.60 3.42
C GLU A 257 12.31 -17.55 4.43
N CYS A 258 11.07 -17.98 4.20
CA CYS A 258 10.34 -18.81 5.15
C CYS A 258 9.79 -20.07 4.51
N KAI B . -2.01 1.46 0.58
CD KAI B . -0.61 1.78 1.02
CD1 KAI B . 1.39 2.02 3.14
CD2 KAI B . 0.23 3.81 4.31
CA KAI B . -2.92 2.31 1.42
CB KAI B . -2.05 2.47 2.72
CB1 KAI B . -2.02 1.31 3.72
CG KAI B . -0.71 2.82 2.10
CG1 KAI B . -3.26 0.97 4.56
CG2 KAI B . 0.31 2.84 3.19
C KAI B . -3.32 3.62 0.74
O KAI B . -3.21 3.75 -0.46
OD1 KAI B . -3.33 -0.01 5.31
OD2 KAI B . -4.08 2.07 4.75
OXT KAI B . -4.07 4.48 1.51
ZN ZN C . 20.95 3.37 3.38
#